data_4MG6
#
_entry.id   4MG6
#
_cell.length_a   54.483
_cell.length_b   81.236
_cell.length_c   58.490
_cell.angle_alpha   90.00
_cell.angle_beta   110.02
_cell.angle_gamma   90.00
#
_symmetry.space_group_name_H-M   'P 1 21 1'
#
loop_
_entity.id
_entity.type
_entity.pdbx_description
1 polymer 'Estrogen receptor'
2 polymer 'Nuclear receptor coactivator 1'
3 non-polymer 'benzyl butyl benzene-1,2-dicarboxylate'
4 non-polymer GLYCEROL
5 water water
#
loop_
_entity_poly.entity_id
_entity_poly.type
_entity_poly.pdbx_seq_one_letter_code
_entity_poly.pdbx_strand_id
1 'polypeptide(L)'
;GSHMKKNSLALSLTADQMVSALLDAEPPILYSEYDPTRPFSEASMMGLLTNLADRELVHMINWAKRVPGFVDLTLHDQVH
LLE(CSO)AWLEILMIGLVWRSMEHPGKLLFAPNLLLDRNQGKCVEGMVEIFDMLLATSSRFRMMNLQGEEFVCLKSIIL
LNSGVYTFLSSTLKSLEEKDHIHRVLDKITDTLIHLMAKAGLTLQQQHQRLAQLLLILSHIRHMSNKGMEHLYSMK
(CSO)KNVVPLSDLLLEMLDAHRLHAP
;
A,B
2 'polypeptide(L)' RHKILHRLLQEGS C,D
#
loop_
_chem_comp.id
_chem_comp.type
_chem_comp.name
_chem_comp.formula
27G non-polymer 'benzyl butyl benzene-1,2-dicarboxylate' 'C19 H20 O4'
GOL non-polymer GLYCEROL 'C3 H8 O3'
#
# COMPACT_ATOMS: atom_id res chain seq x y z
N SER A 8 8.94 22.00 -17.89
CA SER A 8 8.15 21.71 -16.70
C SER A 8 8.23 22.85 -15.70
N LEU A 9 7.12 23.56 -15.52
CA LEU A 9 7.04 24.62 -14.53
C LEU A 9 6.93 24.01 -13.13
N ALA A 10 6.46 22.77 -13.07
CA ALA A 10 6.26 22.07 -11.81
C ALA A 10 7.56 21.98 -11.01
N LEU A 11 8.65 21.62 -11.67
CA LEU A 11 9.94 21.44 -11.00
C LEU A 11 10.55 22.74 -10.50
N SER A 12 9.98 23.87 -10.88
CA SER A 12 10.55 25.16 -10.51
C SER A 12 9.77 25.87 -9.40
N LEU A 13 8.64 25.29 -9.00
CA LEU A 13 7.83 25.88 -7.94
C LEU A 13 8.54 25.78 -6.60
N THR A 14 8.39 26.79 -5.75
CA THR A 14 8.84 26.69 -4.38
C THR A 14 7.82 25.86 -3.60
N ALA A 15 8.15 25.53 -2.35
CA ALA A 15 7.26 24.74 -1.51
C ALA A 15 5.95 25.48 -1.26
N ASP A 16 6.05 26.78 -0.97
CA ASP A 16 4.85 27.56 -0.69
C ASP A 16 3.98 27.71 -1.93
N GLN A 17 4.62 27.81 -3.09
CA GLN A 17 3.90 27.87 -4.36
C GLN A 17 3.22 26.54 -4.66
N MET A 18 3.89 25.44 -4.33
CA MET A 18 3.30 24.12 -4.47
C MET A 18 2.04 24.00 -3.61
N VAL A 19 2.14 24.40 -2.36
CA VAL A 19 1.01 24.34 -1.44
C VAL A 19 -0.15 25.21 -1.92
N SER A 20 0.17 26.40 -2.42
CA SER A 20 -0.84 27.31 -2.93
C SER A 20 -1.54 26.72 -4.14
N ALA A 21 -0.76 26.25 -5.10
CA ALA A 21 -1.29 25.61 -6.29
C ALA A 21 -2.25 24.48 -5.92
N LEU A 22 -1.80 23.60 -5.04
CA LEU A 22 -2.62 22.47 -4.62
C LEU A 22 -3.89 22.94 -3.90
N LEU A 23 -3.74 23.85 -2.94
CA LEU A 23 -4.89 24.37 -2.20
C LEU A 23 -5.92 25.04 -3.11
N ASP A 24 -5.45 25.86 -4.04
N ASP A 24 -5.47 25.85 -4.06
CA ASP A 24 -6.31 26.54 -5.00
CA ASP A 24 -6.40 26.54 -4.95
C ASP A 24 -7.10 25.55 -5.85
C ASP A 24 -7.11 25.57 -5.90
N ALA A 25 -6.49 24.40 -6.12
CA ALA A 25 -7.06 23.42 -7.04
C ALA A 25 -8.04 22.45 -6.39
N GLU A 26 -8.31 22.64 -5.10
CA GLU A 26 -9.20 21.73 -4.36
C GLU A 26 -10.60 21.67 -4.97
N PRO A 27 -11.11 20.46 -5.21
CA PRO A 27 -12.48 20.32 -5.73
C PRO A 27 -13.47 20.59 -4.61
N PRO A 28 -14.75 20.77 -4.95
CA PRO A 28 -15.75 21.08 -3.93
C PRO A 28 -16.30 19.85 -3.21
N ILE A 29 -16.97 20.07 -2.10
CA ILE A 29 -17.77 19.03 -1.48
C ILE A 29 -19.15 19.12 -2.11
N LEU A 30 -19.67 17.98 -2.54
CA LEU A 30 -20.94 17.96 -3.25
C LEU A 30 -22.06 17.48 -2.32
N TYR A 31 -23.30 17.65 -2.74
CA TYR A 31 -24.43 17.12 -1.98
C TYR A 31 -24.89 15.80 -2.58
N SER A 32 -25.49 14.97 -1.74
CA SER A 32 -26.11 13.74 -2.19
C SER A 32 -27.62 13.96 -2.29
N GLU A 33 -28.31 13.01 -2.91
CA GLU A 33 -29.75 13.13 -3.08
C GLU A 33 -30.49 12.55 -1.87
N TYR A 34 -29.76 12.37 -0.76
CA TYR A 34 -30.36 11.80 0.45
C TYR A 34 -31.54 12.63 0.96
N ASP A 35 -32.60 11.94 1.37
CA ASP A 35 -33.81 12.55 1.90
C ASP A 35 -34.24 11.76 3.12
N PRO A 36 -34.17 12.38 4.31
CA PRO A 36 -34.48 11.67 5.56
C PRO A 36 -35.93 11.21 5.63
N THR A 37 -36.77 11.75 4.75
CA THR A 37 -38.18 11.39 4.76
C THR A 37 -38.47 10.26 3.77
N ARG A 38 -37.45 9.88 2.99
CA ARG A 38 -37.60 8.82 2.02
C ARG A 38 -36.99 7.51 2.55
N PRO A 39 -37.69 6.38 2.37
CA PRO A 39 -37.14 5.10 2.82
C PRO A 39 -36.01 4.67 1.92
N PHE A 40 -34.97 4.04 2.49
CA PHE A 40 -33.87 3.52 1.69
C PHE A 40 -33.57 2.07 2.02
N SER A 41 -33.35 1.27 0.98
CA SER A 41 -32.87 -0.09 1.17
C SER A 41 -31.35 -0.05 1.19
N GLU A 42 -30.72 -1.15 1.57
CA GLU A 42 -29.27 -1.23 1.52
C GLU A 42 -28.79 -0.87 0.12
N ALA A 43 -29.54 -1.32 -0.88
CA ALA A 43 -29.19 -1.09 -2.28
C ALA A 43 -29.31 0.37 -2.72
N SER A 44 -30.42 1.02 -2.34
CA SER A 44 -30.64 2.40 -2.75
C SER A 44 -29.75 3.37 -1.98
N MET A 45 -29.34 2.97 -0.78
CA MET A 45 -28.39 3.75 0.00
C MET A 45 -27.04 3.68 -0.70
N MET A 46 -26.73 2.50 -1.22
CA MET A 46 -25.52 2.31 -2.02
C MET A 46 -25.61 3.08 -3.32
N GLY A 47 -26.82 3.21 -3.86
CA GLY A 47 -27.06 4.00 -5.05
C GLY A 47 -26.74 5.46 -4.82
N LEU A 48 -27.03 5.95 -3.62
CA LEU A 48 -26.70 7.32 -3.24
C LEU A 48 -25.18 7.53 -3.31
N LEU A 49 -24.44 6.56 -2.77
CA LEU A 49 -22.99 6.68 -2.68
C LEU A 49 -22.29 6.57 -4.03
N THR A 50 -22.77 5.68 -4.89
CA THR A 50 -22.19 5.52 -6.23
C THR A 50 -22.52 6.70 -7.14
N ASN A 51 -23.74 7.20 -7.03
CA ASN A 51 -24.12 8.45 -7.71
C ASN A 51 -23.19 9.61 -7.32
N LEU A 52 -22.99 9.76 -6.02
CA LEU A 52 -22.10 10.79 -5.49
C LEU A 52 -20.66 10.62 -5.98
N ALA A 53 -20.17 9.38 -5.92
CA ALA A 53 -18.82 9.10 -6.37
C ALA A 53 -18.65 9.47 -7.84
N ASP A 54 -19.65 9.13 -8.65
CA ASP A 54 -19.64 9.47 -10.06
C ASP A 54 -19.43 10.98 -10.28
N ARG A 55 -20.19 11.79 -9.56
CA ARG A 55 -20.07 13.25 -9.70
C ARG A 55 -18.72 13.77 -9.17
N GLU A 56 -18.25 13.21 -8.06
CA GLU A 56 -16.94 13.61 -7.54
C GLU A 56 -15.81 13.26 -8.49
N LEU A 57 -15.99 12.18 -9.25
CA LEU A 57 -15.01 11.75 -10.22
C LEU A 57 -14.78 12.83 -11.27
N VAL A 58 -15.88 13.35 -11.81
CA VAL A 58 -15.81 14.41 -12.82
C VAL A 58 -14.93 15.55 -12.32
N HIS A 59 -15.16 15.98 -11.07
CA HIS A 59 -14.37 17.05 -10.47
C HIS A 59 -12.91 16.63 -10.24
N MET A 60 -12.70 15.36 -9.91
CA MET A 60 -11.36 14.85 -9.65
C MET A 60 -10.50 14.91 -10.90
N ILE A 61 -11.09 14.53 -12.02
CA ILE A 61 -10.37 14.53 -13.30
C ILE A 61 -9.87 15.93 -13.64
N ASN A 62 -10.70 16.93 -13.36
CA ASN A 62 -10.30 18.31 -13.62
C ASN A 62 -9.31 18.84 -12.59
N TRP A 63 -9.41 18.36 -11.35
CA TRP A 63 -8.42 18.68 -10.32
C TRP A 63 -7.04 18.13 -10.68
N ALA A 64 -7.01 16.91 -11.24
CA ALA A 64 -5.76 16.26 -11.56
C ALA A 64 -4.95 17.10 -12.56
N LYS A 65 -5.64 17.77 -13.47
CA LYS A 65 -4.97 18.59 -14.46
C LYS A 65 -4.20 19.74 -13.82
N ARG A 66 -4.59 20.10 -12.60
CA ARG A 66 -3.99 21.26 -11.92
C ARG A 66 -2.89 20.84 -10.94
N VAL A 67 -2.73 19.54 -10.75
CA VAL A 67 -1.62 19.03 -9.95
C VAL A 67 -0.33 19.23 -10.75
N PRO A 68 0.61 20.02 -10.20
CA PRO A 68 1.86 20.34 -10.90
C PRO A 68 2.55 19.10 -11.45
N GLY A 69 2.80 19.09 -12.76
CA GLY A 69 3.52 17.99 -13.39
C GLY A 69 2.61 16.99 -14.09
N PHE A 70 1.37 16.90 -13.63
CA PHE A 70 0.47 15.86 -14.16
C PHE A 70 0.25 15.98 -15.67
N VAL A 71 -0.05 17.18 -16.17
CA VAL A 71 -0.30 17.33 -17.59
C VAL A 71 0.98 17.31 -18.44
N ASP A 72 2.13 17.31 -17.78
CA ASP A 72 3.40 17.13 -18.48
C ASP A 72 3.46 15.73 -19.09
N LEU A 73 2.60 14.85 -18.58
CA LEU A 73 2.57 13.45 -18.99
C LEU A 73 1.71 13.24 -20.23
N THR A 74 1.99 12.16 -20.95
CA THR A 74 1.16 11.78 -22.08
C THR A 74 -0.26 11.48 -21.59
N LEU A 75 -1.23 11.64 -22.48
CA LEU A 75 -2.62 11.33 -22.16
C LEU A 75 -2.76 9.88 -21.71
N HIS A 76 -1.99 8.99 -22.31
CA HIS A 76 -1.98 7.57 -21.98
C HIS A 76 -1.59 7.38 -20.52
N ASP A 77 -0.56 8.10 -20.11
CA ASP A 77 -0.06 7.97 -18.75
C ASP A 77 -1.01 8.64 -17.74
N GLN A 78 -1.62 9.75 -18.12
CA GLN A 78 -2.60 10.41 -17.27
C GLN A 78 -3.79 9.49 -17.02
N VAL A 79 -4.27 8.87 -18.10
CA VAL A 79 -5.37 7.92 -18.00
C VAL A 79 -5.01 6.82 -17.00
N HIS A 80 -3.82 6.25 -17.15
CA HIS A 80 -3.38 5.14 -16.31
C HIS A 80 -3.30 5.50 -14.83
N LEU A 81 -2.73 6.67 -14.53
CA LEU A 81 -2.61 7.09 -13.14
C LEU A 81 -3.98 7.28 -12.49
N LEU A 82 -4.93 7.87 -13.20
CA LEU A 82 -6.25 8.09 -12.64
C LEU A 82 -7.03 6.80 -12.47
N GLU A 83 -6.84 5.88 -13.41
CA GLU A 83 -7.51 4.60 -13.33
C GLU A 83 -7.05 3.83 -12.11
N CSO A 84 -5.75 3.93 -11.79
CA CSO A 84 -5.21 3.21 -10.65
CA CSO A 84 -5.21 3.22 -10.63
CB CSO A 84 -3.69 3.07 -10.81
CB CSO A 84 -3.69 3.05 -10.71
SG CSO A 84 -3.03 1.99 -9.51
SG CSO A 84 -3.21 2.14 -12.20
C CSO A 84 -5.58 3.89 -9.32
O CSO A 84 -5.85 3.21 -8.34
OD CSO A 84 -3.40 0.30 -9.90
OD CSO A 84 -2.74 0.47 -11.78
N ALA A 85 -5.59 5.23 -9.30
CA ALA A 85 -5.74 5.98 -8.06
C ALA A 85 -7.13 6.49 -7.68
N TRP A 86 -8.10 6.44 -8.59
CA TRP A 86 -9.35 7.18 -8.37
C TRP A 86 -10.04 6.88 -7.03
N LEU A 87 -10.20 5.61 -6.70
CA LEU A 87 -10.88 5.24 -5.45
C LEU A 87 -10.05 5.62 -4.21
N GLU A 88 -8.74 5.48 -4.30
CA GLU A 88 -7.88 5.90 -3.21
C GLU A 88 -8.10 7.39 -2.93
N ILE A 89 -8.16 8.16 -4.00
CA ILE A 89 -8.37 9.60 -3.91
C ILE A 89 -9.75 9.94 -3.32
N LEU A 90 -10.79 9.30 -3.82
CA LEU A 90 -12.12 9.50 -3.24
C LEU A 90 -12.11 9.21 -1.75
N MET A 91 -11.46 8.12 -1.38
CA MET A 91 -11.44 7.66 0.00
C MET A 91 -10.71 8.62 0.94
N ILE A 92 -9.54 9.10 0.54
CA ILE A 92 -8.80 10.00 1.40
C ILE A 92 -9.55 11.33 1.55
N GLY A 93 -10.23 11.76 0.49
CA GLY A 93 -11.07 12.94 0.56
C GLY A 93 -12.18 12.72 1.57
N LEU A 94 -12.78 11.53 1.53
CA LEU A 94 -13.87 11.18 2.43
C LEU A 94 -13.40 11.19 3.88
N VAL A 95 -12.23 10.62 4.10
CA VAL A 95 -11.67 10.52 5.45
C VAL A 95 -11.28 11.91 5.98
N TRP A 96 -10.67 12.72 5.12
CA TRP A 96 -10.35 14.10 5.46
C TRP A 96 -11.61 14.86 5.93
N ARG A 97 -12.69 14.75 5.17
CA ARG A 97 -13.95 15.41 5.51
C ARG A 97 -14.54 14.94 6.83
N SER A 98 -14.33 13.66 7.14
CA SER A 98 -14.99 13.05 8.29
C SER A 98 -14.17 13.23 9.57
N MET A 99 -13.00 13.85 9.44
CA MET A 99 -12.05 13.95 10.54
C MET A 99 -12.67 14.59 11.78
N GLU A 100 -13.51 15.59 11.59
CA GLU A 100 -14.13 16.31 12.69
C GLU A 100 -15.44 15.68 13.16
N HIS A 101 -15.68 14.44 12.75
CA HIS A 101 -16.92 13.74 13.11
C HIS A 101 -16.65 12.33 13.59
N PRO A 102 -16.15 12.21 14.83
CA PRO A 102 -15.81 10.91 15.43
C PRO A 102 -16.93 9.90 15.21
N GLY A 103 -16.56 8.70 14.76
CA GLY A 103 -17.51 7.62 14.57
C GLY A 103 -18.39 7.73 13.34
N LYS A 104 -18.19 8.80 12.57
CA LYS A 104 -19.04 9.04 11.40
C LYS A 104 -18.23 9.37 10.15
N LEU A 105 -18.81 9.04 9.00
CA LEU A 105 -18.26 9.43 7.70
C LEU A 105 -19.17 10.46 7.06
N LEU A 106 -18.57 11.59 6.65
CA LEU A 106 -19.33 12.67 6.04
C LEU A 106 -19.24 12.59 4.52
N PHE A 107 -20.13 11.80 3.91
CA PHE A 107 -20.17 11.67 2.46
C PHE A 107 -20.59 12.97 1.81
N ALA A 108 -21.47 13.71 2.48
CA ALA A 108 -21.95 14.99 2.00
C ALA A 108 -22.45 15.79 3.19
N PRO A 109 -22.56 17.12 3.04
CA PRO A 109 -23.04 17.93 4.18
C PRO A 109 -24.39 17.45 4.69
N ASN A 110 -25.19 16.81 3.83
CA ASN A 110 -26.51 16.33 4.20
C ASN A 110 -26.57 14.82 4.38
N LEU A 111 -25.39 14.19 4.43
CA LEU A 111 -25.31 12.73 4.58
C LEU A 111 -24.15 12.33 5.49
N LEU A 112 -24.41 12.32 6.79
CA LEU A 112 -23.43 11.92 7.78
C LEU A 112 -23.84 10.57 8.36
N LEU A 113 -23.01 9.55 8.15
CA LEU A 113 -23.38 8.18 8.52
C LEU A 113 -22.47 7.57 9.57
N ASP A 114 -23.08 6.85 10.52
CA ASP A 114 -22.31 5.98 11.42
C ASP A 114 -22.28 4.58 10.81
N ARG A 115 -21.54 3.67 11.45
CA ARG A 115 -21.34 2.34 10.87
C ARG A 115 -22.61 1.51 10.85
N ASN A 116 -23.54 1.81 11.74
CA ASN A 116 -24.77 1.04 11.87
C ASN A 116 -25.82 1.44 10.82
N GLN A 117 -25.89 2.73 10.52
CA GLN A 117 -26.87 3.26 9.60
C GLN A 117 -26.45 3.24 8.11
N MET A 124 -19.16 -4.45 3.34
CA MET A 124 -19.03 -3.00 3.28
C MET A 124 -18.82 -2.37 4.65
N VAL A 125 -19.36 -3.01 5.68
CA VAL A 125 -19.19 -2.52 7.04
C VAL A 125 -17.72 -2.58 7.43
N GLU A 126 -16.99 -3.57 6.92
CA GLU A 126 -15.56 -3.66 7.19
C GLU A 126 -14.80 -2.48 6.57
N ILE A 127 -15.13 -2.13 5.33
CA ILE A 127 -14.50 -0.98 4.69
C ILE A 127 -14.84 0.31 5.43
N PHE A 128 -16.12 0.47 5.73
CA PHE A 128 -16.58 1.60 6.54
C PHE A 128 -15.72 1.71 7.81
N ASP A 129 -15.50 0.59 8.48
CA ASP A 129 -14.71 0.58 9.71
C ASP A 129 -13.26 1.00 9.47
N MET A 130 -12.67 0.49 8.39
CA MET A 130 -11.32 0.89 8.03
C MET A 130 -11.23 2.39 7.79
N LEU A 131 -12.20 2.93 7.04
CA LEU A 131 -12.25 4.36 6.78
C LEU A 131 -12.35 5.14 8.09
N LEU A 132 -13.16 4.61 9.01
CA LEU A 132 -13.31 5.25 10.32
C LEU A 132 -12.00 5.24 11.09
N ALA A 133 -11.29 4.11 11.01
CA ALA A 133 -10.01 3.97 11.66
C ALA A 133 -9.01 4.98 11.12
N THR A 134 -9.08 5.22 9.81
CA THR A 134 -8.17 6.15 9.15
C THR A 134 -8.48 7.59 9.56
N SER A 135 -9.76 7.91 9.63
CA SER A 135 -10.17 9.23 10.11
C SER A 135 -9.68 9.40 11.54
N SER A 136 -9.89 8.38 12.35
CA SER A 136 -9.39 8.39 13.72
CA SER A 136 -9.39 8.40 13.72
C SER A 136 -7.89 8.68 13.74
N ARG A 137 -7.17 8.08 12.80
CA ARG A 137 -5.73 8.27 12.70
C ARG A 137 -5.40 9.73 12.37
N PHE A 138 -6.10 10.31 11.39
CA PHE A 138 -5.89 11.71 11.04
C PHE A 138 -6.04 12.59 12.28
N ARG A 139 -7.09 12.34 13.06
CA ARG A 139 -7.31 13.06 14.31
C ARG A 139 -6.15 12.89 15.29
N MET A 140 -5.76 11.64 15.54
CA MET A 140 -4.62 11.36 16.40
C MET A 140 -3.42 12.21 16.03
N MET A 141 -3.21 12.38 14.73
CA MET A 141 -2.04 13.07 14.20
C MET A 141 -2.24 14.56 14.05
N ASN A 142 -3.49 15.01 14.17
CA ASN A 142 -3.83 16.39 13.87
C ASN A 142 -3.38 16.79 12.46
N LEU A 143 -3.76 15.97 11.48
CA LEU A 143 -3.39 16.23 10.09
C LEU A 143 -3.83 17.61 9.63
N GLN A 144 -2.91 18.34 8.99
CA GLN A 144 -3.19 19.68 8.50
C GLN A 144 -3.64 19.64 7.04
N GLY A 145 -4.44 20.63 6.65
CA GLY A 145 -4.95 20.70 5.29
C GLY A 145 -3.86 20.82 4.23
N GLU A 146 -2.75 21.45 4.59
CA GLU A 146 -1.64 21.60 3.67
C GLU A 146 -0.96 20.25 3.48
N GLU A 147 -0.96 19.45 4.54
CA GLU A 147 -0.42 18.10 4.49
C GLU A 147 -1.35 17.18 3.68
N PHE A 148 -2.64 17.34 3.89
CA PHE A 148 -3.65 16.57 3.15
C PHE A 148 -3.55 16.72 1.63
N VAL A 149 -3.40 17.94 1.14
CA VAL A 149 -3.35 18.14 -0.31
C VAL A 149 -2.08 17.56 -0.93
N CYS A 150 -0.99 17.60 -0.17
CA CYS A 150 0.25 16.94 -0.59
C CYS A 150 0.08 15.44 -0.70
N LEU A 151 -0.51 14.83 0.31
CA LEU A 151 -0.75 13.39 0.31
C LEU A 151 -1.59 12.94 -0.87
N LYS A 152 -2.63 13.72 -1.18
CA LYS A 152 -3.55 13.37 -2.23
C LYS A 152 -2.87 13.39 -3.61
N SER A 153 -2.01 14.38 -3.83
CA SER A 153 -1.26 14.46 -5.07
CA SER A 153 -1.26 14.46 -5.07
C SER A 153 -0.24 13.32 -5.18
N ILE A 154 0.32 12.94 -4.03
CA ILE A 154 1.26 11.81 -4.00
C ILE A 154 0.59 10.51 -4.47
N ILE A 155 -0.61 10.25 -3.94
CA ILE A 155 -1.39 9.10 -4.39
C ILE A 155 -1.60 9.12 -5.91
N LEU A 156 -2.06 10.25 -6.43
CA LEU A 156 -2.29 10.38 -7.86
C LEU A 156 -1.08 9.98 -8.69
N LEU A 157 0.10 10.44 -8.28
CA LEU A 157 1.33 10.23 -9.02
C LEU A 157 1.98 8.87 -8.73
N ASN A 158 1.81 8.38 -7.51
CA ASN A 158 2.52 7.18 -7.06
C ASN A 158 1.83 5.83 -7.28
N SER A 159 0.51 5.79 -7.18
CA SER A 159 -0.19 4.51 -7.16
C SER A 159 -0.02 3.67 -8.42
N GLY A 160 0.06 4.32 -9.58
CA GLY A 160 0.16 3.59 -10.83
C GLY A 160 1.54 3.64 -11.48
N VAL A 161 2.48 4.32 -10.84
CA VAL A 161 3.81 4.52 -11.43
C VAL A 161 4.58 3.22 -11.70
N TYR A 162 4.32 2.16 -10.93
CA TYR A 162 5.03 0.89 -11.13
C TYR A 162 4.24 -0.15 -11.91
N THR A 163 3.17 0.27 -12.59
CA THR A 163 2.40 -0.66 -13.41
C THR A 163 2.21 -0.18 -14.84
N PHE A 164 3.09 0.72 -15.29
CA PHE A 164 3.07 1.14 -16.69
C PHE A 164 3.44 -0.02 -17.61
N THR A 168 10.01 0.70 -24.15
CA THR A 168 11.01 1.60 -24.71
C THR A 168 11.62 2.51 -23.65
N LEU A 169 12.75 3.11 -23.99
CA LEU A 169 13.41 4.05 -23.09
C LEU A 169 12.59 5.32 -22.97
N LYS A 170 11.70 5.52 -23.94
CA LYS A 170 10.86 6.71 -23.98
C LYS A 170 9.84 6.69 -22.85
N SER A 171 9.30 5.51 -22.56
CA SER A 171 8.32 5.35 -21.50
C SER A 171 8.97 5.38 -20.12
N LEU A 172 10.28 5.20 -20.08
CA LEU A 172 11.03 5.27 -18.83
C LEU A 172 11.30 6.72 -18.43
N GLU A 173 11.35 7.60 -19.42
CA GLU A 173 11.54 9.02 -19.15
C GLU A 173 10.34 9.59 -18.41
N GLU A 174 9.16 9.07 -18.72
CA GLU A 174 7.93 9.50 -18.06
C GLU A 174 7.98 9.19 -16.56
N LYS A 175 8.48 8.01 -16.22
CA LYS A 175 8.58 7.60 -14.82
C LYS A 175 9.55 8.49 -14.04
N ASP A 176 10.65 8.87 -14.68
CA ASP A 176 11.65 9.73 -14.05
C ASP A 176 11.06 11.07 -13.64
N HIS A 177 10.25 11.64 -14.52
CA HIS A 177 9.61 12.92 -14.23
C HIS A 177 8.67 12.81 -13.02
N ILE A 178 7.95 11.70 -12.93
CA ILE A 178 7.04 11.46 -11.82
C ILE A 178 7.81 11.36 -10.50
N HIS A 179 8.92 10.63 -10.51
CA HIS A 179 9.75 10.49 -9.33
C HIS A 179 10.32 11.82 -8.89
N ARG A 180 10.65 12.67 -9.85
CA ARG A 180 11.14 14.01 -9.55
C ARG A 180 10.08 14.87 -8.87
N VAL A 181 8.85 14.84 -9.40
CA VAL A 181 7.74 15.57 -8.81
C VAL A 181 7.40 15.02 -7.42
N LEU A 182 7.47 13.70 -7.26
CA LEU A 182 7.24 13.08 -5.97
C LEU A 182 8.24 13.58 -4.93
N ASP A 183 9.52 13.66 -5.33
CA ASP A 183 10.56 14.17 -4.43
C ASP A 183 10.26 15.61 -4.02
N LYS A 184 9.76 16.40 -4.96
CA LYS A 184 9.41 17.79 -4.68
C LYS A 184 8.27 17.89 -3.66
N ILE A 185 7.32 16.99 -3.76
CA ILE A 185 6.19 16.98 -2.82
C ILE A 185 6.66 16.56 -1.43
N THR A 186 7.67 15.69 -1.37
CA THR A 186 8.27 15.34 -0.09
C THR A 186 8.94 16.56 0.53
N ASP A 187 9.76 17.24 -0.27
CA ASP A 187 10.41 18.47 0.18
C ASP A 187 9.38 19.44 0.76
N THR A 188 8.24 19.54 0.08
CA THR A 188 7.17 20.43 0.53
C THR A 188 6.61 19.99 1.90
N LEU A 189 6.36 18.70 2.04
CA LEU A 189 5.91 18.16 3.32
C LEU A 189 6.88 18.48 4.45
N ILE A 190 8.18 18.28 4.19
CA ILE A 190 9.20 18.60 5.19
C ILE A 190 9.19 20.09 5.52
N HIS A 191 9.14 20.92 4.47
CA HIS A 191 9.03 22.36 4.65
C HIS A 191 7.89 22.74 5.59
N LEU A 192 6.70 22.18 5.34
CA LEU A 192 5.53 22.42 6.17
C LEU A 192 5.76 22.04 7.64
N MET A 193 6.40 20.90 7.87
CA MET A 193 6.64 20.44 9.23
C MET A 193 7.71 21.28 9.93
N ALA A 194 8.72 21.68 9.18
CA ALA A 194 9.78 22.51 9.71
C ALA A 194 9.20 23.84 10.20
N LYS A 195 8.33 24.44 9.39
CA LYS A 195 7.72 25.72 9.72
C LYS A 195 6.79 25.58 10.93
N ALA A 196 6.26 24.38 11.14
CA ALA A 196 5.42 24.11 12.29
C ALA A 196 6.23 23.92 13.58
N GLY A 197 7.55 24.03 13.46
CA GLY A 197 8.43 23.98 14.62
C GLY A 197 8.79 22.60 15.11
N LEU A 198 8.56 21.58 14.29
CA LEU A 198 8.95 20.22 14.65
C LEU A 198 10.46 20.08 14.58
N THR A 199 11.02 19.28 15.48
CA THR A 199 12.44 18.98 15.39
C THR A 199 12.68 18.13 14.15
N LEU A 200 13.94 17.96 13.79
CA LEU A 200 14.33 17.15 12.65
C LEU A 200 13.87 15.70 12.85
N GLN A 201 14.01 15.18 14.06
CA GLN A 201 13.56 13.85 14.38
C GLN A 201 12.05 13.72 14.22
N GLN A 202 11.34 14.72 14.68
CA GLN A 202 9.89 14.74 14.61
C GLN A 202 9.40 14.89 13.16
N GLN A 203 10.18 15.62 12.35
CA GLN A 203 9.84 15.78 10.95
C GLN A 203 9.90 14.44 10.24
N HIS A 204 10.97 13.68 10.48
CA HIS A 204 11.12 12.38 9.82
C HIS A 204 10.07 11.40 10.31
N GLN A 205 9.80 11.40 11.60
CA GLN A 205 8.80 10.51 12.16
C GLN A 205 7.42 10.78 11.58
N ARG A 206 7.05 12.05 11.49
CA ARG A 206 5.75 12.42 10.97
C ARG A 206 5.62 12.13 9.48
N LEU A 207 6.68 12.43 8.73
CA LEU A 207 6.68 12.12 7.30
C LEU A 207 6.40 10.64 7.09
N ALA A 208 7.08 9.80 7.87
CA ALA A 208 6.86 8.36 7.80
C ALA A 208 5.43 7.99 8.18
N GLN A 209 4.94 8.58 9.27
CA GLN A 209 3.58 8.28 9.73
C GLN A 209 2.56 8.57 8.64
N LEU A 210 2.73 9.68 7.93
CA LEU A 210 1.83 10.09 6.87
C LEU A 210 1.87 9.16 5.66
N LEU A 211 3.07 8.78 5.25
CA LEU A 211 3.23 7.92 4.09
C LEU A 211 2.77 6.47 4.34
N LEU A 212 2.85 6.02 5.58
CA LEU A 212 2.37 4.68 5.91
C LEU A 212 0.85 4.61 5.79
N ILE A 213 0.19 5.74 6.06
CA ILE A 213 -1.25 5.85 5.85
C ILE A 213 -1.62 5.45 4.41
N LEU A 214 -0.74 5.77 3.47
CA LEU A 214 -0.99 5.48 2.05
C LEU A 214 -1.11 3.98 1.77
N SER A 215 -0.45 3.17 2.60
CA SER A 215 -0.57 1.72 2.48
CA SER A 215 -0.56 1.72 2.49
C SER A 215 -1.97 1.24 2.86
N HIS A 216 -2.50 1.79 3.94
CA HIS A 216 -3.85 1.43 4.38
C HIS A 216 -4.88 1.92 3.38
N ILE A 217 -4.67 3.11 2.85
CA ILE A 217 -5.59 3.63 1.83
C ILE A 217 -5.59 2.77 0.56
N ARG A 218 -4.41 2.31 0.15
CA ARG A 218 -4.33 1.39 -0.98
C ARG A 218 -5.09 0.10 -0.64
N HIS A 219 -4.95 -0.37 0.59
CA HIS A 219 -5.65 -1.58 1.01
C HIS A 219 -7.17 -1.40 0.93
N MET A 220 -7.67 -0.31 1.47
CA MET A 220 -9.11 -0.05 1.45
C MET A 220 -9.62 0.05 0.01
N SER A 221 -8.82 0.64 -0.85
CA SER A 221 -9.19 0.80 -2.26
C SER A 221 -9.31 -0.55 -2.97
N ASN A 222 -8.35 -1.44 -2.74
CA ASN A 222 -8.41 -2.77 -3.32
C ASN A 222 -9.65 -3.51 -2.86
N LYS A 223 -9.95 -3.42 -1.57
CA LYS A 223 -11.14 -4.02 -0.99
C LYS A 223 -12.43 -3.44 -1.56
N GLY A 224 -12.46 -2.12 -1.72
CA GLY A 224 -13.63 -1.46 -2.28
C GLY A 224 -13.84 -1.83 -3.72
N MET A 225 -12.75 -1.95 -4.47
CA MET A 225 -12.84 -2.29 -5.89
C MET A 225 -13.45 -3.67 -6.11
N GLU A 226 -13.21 -4.59 -5.18
CA GLU A 226 -13.82 -5.91 -5.25
C GLU A 226 -15.30 -5.88 -4.89
N HIS A 227 -15.66 -5.06 -3.92
CA HIS A 227 -17.07 -4.94 -3.56
C HIS A 227 -17.84 -4.15 -4.63
N LEU A 228 -17.13 -3.31 -5.38
CA LEU A 228 -17.73 -2.59 -6.49
C LEU A 228 -18.01 -3.58 -7.62
N TYR A 229 -17.13 -4.56 -7.77
CA TYR A 229 -17.29 -5.57 -8.80
C TYR A 229 -18.48 -6.47 -8.53
N SER A 230 -18.69 -6.83 -7.27
CA SER A 230 -19.81 -7.69 -6.90
C SER A 230 -21.14 -6.93 -6.98
N MET A 231 -21.07 -5.62 -6.76
CA MET A 231 -22.25 -4.76 -6.92
C MET A 231 -22.70 -4.74 -8.39
N LYS A 232 -21.73 -4.73 -9.29
CA LYS A 232 -22.00 -4.79 -10.71
C LYS A 232 -22.68 -6.11 -11.08
N CSO A 233 -22.08 -7.22 -10.64
CA CSO A 233 -22.62 -8.55 -10.92
CB CSO A 233 -21.69 -9.63 -10.37
SG CSO A 233 -20.07 -9.50 -11.17
C CSO A 233 -24.04 -8.76 -10.41
O CSO A 233 -24.85 -9.40 -11.08
OD CSO A 233 -20.25 -9.21 -12.92
N LYS A 234 -24.34 -8.25 -9.22
CA LYS A 234 -25.68 -8.39 -8.65
C LYS A 234 -26.69 -7.47 -9.36
N ASN A 235 -26.20 -6.54 -10.13
CA ASN A 235 -27.06 -5.66 -10.84
C ASN A 235 -28.22 -5.12 -10.09
N VAL A 236 -28.07 -4.67 -8.88
CA VAL A 236 -29.20 -4.09 -8.23
C VAL A 236 -28.92 -2.61 -7.95
N VAL A 237 -27.65 -2.27 -7.79
CA VAL A 237 -27.22 -0.91 -7.56
C VAL A 237 -26.85 -0.28 -8.85
N PRO A 238 -27.40 0.88 -9.15
CA PRO A 238 -27.08 1.54 -10.42
C PRO A 238 -25.64 2.04 -10.43
N LEU A 239 -24.89 1.72 -11.48
CA LEU A 239 -23.53 2.23 -11.64
C LEU A 239 -23.42 3.04 -12.93
N SER A 240 -22.75 4.19 -12.85
CA SER A 240 -22.60 5.07 -14.01
C SER A 240 -21.64 4.44 -15.01
N ASP A 241 -21.70 4.92 -16.25
CA ASP A 241 -20.81 4.42 -17.29
C ASP A 241 -19.34 4.68 -16.95
N LEU A 242 -19.08 5.81 -16.30
CA LEU A 242 -17.71 6.17 -15.91
C LEU A 242 -17.18 5.22 -14.85
N LEU A 243 -18.01 4.89 -13.86
CA LEU A 243 -17.62 3.96 -12.82
C LEU A 243 -17.37 2.57 -13.37
N LEU A 244 -18.21 2.15 -14.32
CA LEU A 244 -18.07 0.85 -14.94
C LEU A 244 -16.76 0.75 -15.72
N GLU A 245 -16.39 1.82 -16.42
CA GLU A 245 -15.13 1.83 -17.15
C GLU A 245 -13.93 1.85 -16.19
N MET A 246 -14.03 2.65 -15.13
CA MET A 246 -12.99 2.67 -14.09
C MET A 246 -12.82 1.29 -13.48
N LEU A 247 -13.95 0.65 -13.19
CA LEU A 247 -13.94 -0.70 -12.63
C LEU A 247 -13.28 -1.68 -13.59
N ASP A 248 -13.59 -1.52 -14.87
CA ASP A 248 -13.05 -2.37 -15.92
C ASP A 248 -11.53 -2.27 -16.00
N ALA A 249 -11.01 -1.06 -15.78
CA ALA A 249 -9.57 -0.81 -15.83
C ALA A 249 -8.80 -1.65 -14.81
N HIS A 250 -9.45 -1.96 -13.71
CA HIS A 250 -8.83 -2.77 -12.68
C HIS A 250 -9.00 -4.24 -12.97
N ARG A 251 -9.69 -4.55 -14.05
CA ARG A 251 -9.93 -5.93 -14.47
C ARG A 251 -10.49 -6.76 -13.32
N LYS B 6 5.75 -4.00 31.63
CA LYS B 6 4.80 -3.19 30.89
C LYS B 6 5.48 -2.32 29.84
N ASN B 7 6.57 -1.66 30.23
CA ASN B 7 7.37 -0.91 29.27
C ASN B 7 8.14 -1.88 28.37
N SER B 8 8.09 -1.63 27.07
CA SER B 8 8.74 -2.50 26.09
C SER B 8 10.24 -2.22 25.96
N LEU B 9 11.03 -3.28 25.97
CA LEU B 9 12.47 -3.17 25.79
C LEU B 9 12.82 -2.50 24.45
N ALA B 10 11.93 -2.66 23.47
CA ALA B 10 12.17 -2.16 22.12
C ALA B 10 12.55 -0.69 22.08
N LEU B 11 11.82 0.14 22.81
CA LEU B 11 12.03 1.58 22.78
C LEU B 11 13.35 2.00 23.42
N SER B 12 13.88 1.15 24.30
CA SER B 12 15.13 1.48 24.98
C SER B 12 16.36 1.08 24.18
N LEU B 13 16.13 0.44 23.03
CA LEU B 13 17.24 0.02 22.19
C LEU B 13 17.84 1.21 21.45
N THR B 14 19.16 1.18 21.27
CA THR B 14 19.82 2.15 20.42
C THR B 14 19.60 1.77 18.97
N ALA B 15 19.92 2.67 18.05
CA ALA B 15 19.72 2.40 16.63
C ALA B 15 20.56 1.22 16.20
N ASP B 16 21.80 1.16 16.68
CA ASP B 16 22.70 0.06 16.37
C ASP B 16 22.20 -1.26 16.93
N GLN B 17 21.63 -1.22 18.12
CA GLN B 17 21.08 -2.41 18.74
C GLN B 17 19.85 -2.92 17.96
N MET B 18 19.03 -1.98 17.50
CA MET B 18 17.85 -2.32 16.70
C MET B 18 18.30 -3.03 15.43
N VAL B 19 19.25 -2.43 14.72
CA VAL B 19 19.76 -3.00 13.48
C VAL B 19 20.34 -4.39 13.66
N SER B 20 21.12 -4.59 14.71
CA SER B 20 21.74 -5.89 14.96
CA SER B 20 21.74 -5.89 14.98
C SER B 20 20.69 -6.93 15.37
N ALA B 21 19.67 -6.48 16.09
CA ALA B 21 18.59 -7.38 16.49
C ALA B 21 17.83 -7.87 15.25
N LEU B 22 17.55 -6.95 14.33
CA LEU B 22 16.83 -7.29 13.10
C LEU B 22 17.67 -8.17 12.19
N LEU B 23 18.93 -7.80 12.00
CA LEU B 23 19.84 -8.60 11.19
C LEU B 23 19.94 -10.02 11.72
N ASP B 24 19.98 -10.15 13.05
N ASP B 24 19.99 -10.15 13.05
CA ASP B 24 20.15 -11.47 13.67
CA ASP B 24 20.14 -11.45 13.69
C ASP B 24 18.88 -12.30 13.63
C ASP B 24 18.88 -12.29 13.60
N ALA B 25 17.73 -11.63 13.54
CA ALA B 25 16.44 -12.33 13.46
C ALA B 25 16.15 -12.87 12.06
N GLU B 26 16.95 -12.49 11.08
CA GLU B 26 16.72 -12.87 9.69
C GLU B 26 16.55 -14.38 9.51
N PRO B 27 15.51 -14.79 8.77
CA PRO B 27 15.32 -16.20 8.40
C PRO B 27 16.27 -16.55 7.26
N PRO B 28 16.58 -17.84 7.10
CA PRO B 28 17.46 -18.27 6.02
C PRO B 28 16.76 -18.34 4.67
N ILE B 29 17.54 -18.32 3.61
CA ILE B 29 17.05 -18.57 2.26
C ILE B 29 16.88 -20.07 2.08
N LEU B 30 15.69 -20.49 1.71
CA LEU B 30 15.38 -21.91 1.58
C LEU B 30 15.52 -22.35 0.12
N TYR B 31 15.69 -23.66 -0.09
CA TYR B 31 15.71 -24.21 -1.42
C TYR B 31 14.36 -24.82 -1.77
N SER B 32 14.06 -24.87 -3.06
CA SER B 32 12.93 -25.64 -3.56
C SER B 32 13.41 -27.05 -3.90
N GLU B 33 12.55 -27.84 -4.54
CA GLU B 33 12.92 -29.19 -4.93
C GLU B 33 14.10 -29.17 -5.90
N TYR B 34 14.91 -30.23 -5.87
CA TYR B 34 16.09 -30.32 -6.73
C TYR B 34 15.83 -31.01 -8.06
N ASP B 35 14.73 -30.66 -8.71
CA ASP B 35 14.44 -31.18 -10.05
C ASP B 35 15.02 -30.26 -11.12
N PRO B 36 15.51 -30.85 -12.23
CA PRO B 36 16.17 -30.11 -13.31
C PRO B 36 15.18 -29.42 -14.25
N THR B 37 13.94 -29.91 -14.27
CA THR B 37 12.92 -29.36 -15.16
C THR B 37 12.47 -27.98 -14.71
N ARG B 38 12.28 -27.09 -15.66
CA ARG B 38 11.74 -25.77 -15.35
C ARG B 38 10.22 -25.81 -15.45
N PRO B 39 9.54 -25.40 -14.36
CA PRO B 39 8.07 -25.46 -14.27
C PRO B 39 7.40 -24.71 -15.40
N PHE B 40 6.59 -25.41 -16.19
CA PHE B 40 5.86 -24.78 -17.28
C PHE B 40 4.37 -25.13 -17.22
N SER B 41 3.94 -25.68 -16.09
CA SER B 41 2.52 -25.99 -15.91
C SER B 41 2.01 -25.33 -14.65
N GLU B 42 0.71 -25.04 -14.64
CA GLU B 42 0.05 -24.45 -13.48
C GLU B 42 0.31 -25.30 -12.25
N ALA B 43 0.12 -26.61 -12.38
CA ALA B 43 0.22 -27.53 -11.27
C ALA B 43 1.61 -27.56 -10.65
N SER B 44 2.62 -27.84 -11.46
CA SER B 44 3.98 -27.98 -10.95
C SER B 44 4.50 -26.69 -10.32
N MET B 45 4.30 -25.57 -11.00
CA MET B 45 4.80 -24.29 -10.52
C MET B 45 4.10 -23.84 -9.24
N MET B 46 2.77 -23.99 -9.20
CA MET B 46 1.98 -23.62 -8.03
C MET B 46 2.24 -24.55 -6.87
N GLY B 47 2.64 -25.78 -7.19
CA GLY B 47 3.03 -26.74 -6.17
C GLY B 47 4.34 -26.35 -5.52
N LEU B 48 5.30 -25.96 -6.34
CA LEU B 48 6.60 -25.52 -5.83
C LEU B 48 6.46 -24.24 -5.03
N LEU B 49 5.67 -23.29 -5.53
CA LEU B 49 5.50 -22.01 -4.86
C LEU B 49 4.72 -22.09 -3.54
N THR B 50 3.69 -22.93 -3.50
CA THR B 50 2.93 -23.07 -2.25
C THR B 50 3.74 -23.85 -1.23
N ASN B 51 4.46 -24.87 -1.70
CA ASN B 51 5.35 -25.62 -0.82
C ASN B 51 6.40 -24.69 -0.19
N LEU B 52 6.98 -23.82 -1.02
CA LEU B 52 7.99 -22.88 -0.54
C LEU B 52 7.41 -21.90 0.45
N ALA B 53 6.24 -21.35 0.12
CA ALA B 53 5.55 -20.43 1.01
C ALA B 53 5.25 -21.06 2.35
N ASP B 54 4.83 -22.32 2.33
N ASP B 54 4.80 -22.32 2.31
CA ASP B 54 4.51 -23.02 3.57
CA ASP B 54 4.54 -23.09 3.52
C ASP B 54 5.71 -23.10 4.49
C ASP B 54 5.73 -23.05 4.46
N ARG B 55 6.88 -23.46 3.93
CA ARG B 55 8.09 -23.55 4.72
C ARG B 55 8.58 -22.17 5.18
N GLU B 56 8.58 -21.20 4.27
CA GLU B 56 8.97 -19.83 4.64
C GLU B 56 8.06 -19.23 5.72
N LEU B 57 6.78 -19.61 5.70
CA LEU B 57 5.84 -19.12 6.70
C LEU B 57 6.24 -19.52 8.12
N VAL B 58 6.68 -20.75 8.29
CA VAL B 58 7.16 -21.23 9.58
C VAL B 58 8.33 -20.39 10.06
N HIS B 59 9.30 -20.14 9.18
CA HIS B 59 10.43 -19.28 9.54
C HIS B 59 9.97 -17.85 9.85
N MET B 60 9.04 -17.33 9.04
CA MET B 60 8.54 -15.98 9.25
C MET B 60 7.92 -15.81 10.63
N ILE B 61 7.18 -16.83 11.06
CA ILE B 61 6.54 -16.81 12.38
C ILE B 61 7.58 -16.67 13.50
N ASN B 62 8.68 -17.41 13.39
N ASN B 62 8.66 -17.43 13.37
CA ASN B 62 9.72 -17.31 14.41
CA ASN B 62 9.77 -17.39 14.32
C ASN B 62 10.62 -16.08 14.24
C ASN B 62 10.50 -16.05 14.25
N TRP B 63 10.67 -15.54 13.03
CA TRP B 63 11.33 -14.25 12.82
C TRP B 63 10.55 -13.14 13.52
N ALA B 64 9.24 -13.13 13.32
CA ALA B 64 8.38 -12.08 13.87
C ALA B 64 8.55 -11.93 15.39
N LYS B 65 8.65 -13.05 16.09
CA LYS B 65 8.81 -13.03 17.54
C LYS B 65 10.12 -12.35 17.95
N ARG B 66 11.06 -12.28 17.02
CA ARG B 66 12.36 -11.69 17.31
C ARG B 66 12.46 -10.23 16.87
N VAL B 67 11.37 -9.69 16.33
CA VAL B 67 11.31 -8.27 15.99
C VAL B 67 10.99 -7.47 17.25
N PRO B 68 11.91 -6.61 17.68
CA PRO B 68 11.70 -5.92 18.97
C PRO B 68 10.32 -5.28 19.08
N GLY B 69 9.65 -5.51 20.21
CA GLY B 69 8.33 -4.95 20.43
C GLY B 69 7.20 -5.86 20.01
N PHE B 70 7.49 -6.86 19.18
CA PHE B 70 6.44 -7.74 18.68
C PHE B 70 5.89 -8.66 19.77
N VAL B 71 6.77 -9.30 20.53
CA VAL B 71 6.31 -10.22 21.59
C VAL B 71 5.67 -9.51 22.78
N ASP B 72 5.78 -8.18 22.82
CA ASP B 72 5.16 -7.40 23.88
C ASP B 72 3.66 -7.21 23.61
N LEU B 73 3.23 -7.66 22.45
CA LEU B 73 1.81 -7.62 22.10
C LEU B 73 1.13 -8.89 22.60
N THR B 74 -0.18 -8.82 22.81
CA THR B 74 -0.94 -10.02 23.12
C THR B 74 -0.89 -10.98 21.92
N LEU B 75 -1.07 -12.26 22.19
CA LEU B 75 -1.04 -13.28 21.14
C LEU B 75 -2.04 -12.97 20.04
N HIS B 76 -3.22 -12.48 20.43
N HIS B 76 -3.21 -12.50 20.44
CA HIS B 76 -4.26 -12.16 19.46
CA HIS B 76 -4.27 -12.12 19.50
C HIS B 76 -3.81 -11.04 18.51
C HIS B 76 -3.81 -11.05 18.52
N ASP B 77 -3.09 -10.05 19.04
CA ASP B 77 -2.60 -8.96 18.21
C ASP B 77 -1.47 -9.43 17.30
N GLN B 78 -0.66 -10.37 17.79
CA GLN B 78 0.40 -10.98 16.99
C GLN B 78 -0.20 -11.76 15.83
N VAL B 79 -1.27 -12.50 16.12
CA VAL B 79 -1.98 -13.26 15.11
C VAL B 79 -2.53 -12.33 14.03
N HIS B 80 -3.15 -11.25 14.46
CA HIS B 80 -3.74 -10.29 13.53
C HIS B 80 -2.69 -9.66 12.59
N LEU B 81 -1.56 -9.25 13.15
CA LEU B 81 -0.53 -8.61 12.36
C LEU B 81 0.06 -9.55 11.33
N LEU B 82 0.34 -10.78 11.74
CA LEU B 82 0.89 -11.78 10.82
C LEU B 82 -0.13 -12.18 9.76
N GLU B 83 -1.38 -12.30 10.16
CA GLU B 83 -2.43 -12.63 9.21
C GLU B 83 -2.56 -11.57 8.12
N CSO B 84 -2.46 -10.30 8.50
CA CSO B 84 -2.62 -9.20 7.56
CA CSO B 84 -2.61 -9.20 7.54
CB CSO B 84 -2.95 -7.91 8.33
CB CSO B 84 -2.91 -7.87 8.22
SG CSO B 84 -2.92 -6.46 7.24
SG CSO B 84 -4.43 -7.97 9.16
C CSO B 84 -1.39 -9.04 6.65
O CSO B 84 -1.51 -8.72 5.47
OD CSO B 84 -4.47 -6.34 6.39
OD CSO B 84 -5.79 -7.35 8.21
N ALA B 85 -0.21 -9.28 7.22
CA ALA B 85 1.05 -8.93 6.54
C ALA B 85 1.78 -10.06 5.81
N TRP B 86 1.40 -11.31 6.05
CA TRP B 86 2.23 -12.44 5.63
C TRP B 86 2.65 -12.45 4.16
N LEU B 87 1.73 -12.13 3.26
CA LEU B 87 2.05 -12.16 1.83
C LEU B 87 2.94 -10.97 1.43
N GLU B 88 2.68 -9.81 2.01
CA GLU B 88 3.54 -8.65 1.80
C GLU B 88 4.97 -8.98 2.22
N ILE B 89 5.10 -9.71 3.33
CA ILE B 89 6.42 -10.07 3.86
C ILE B 89 7.14 -11.10 2.98
N LEU B 90 6.41 -12.11 2.51
CA LEU B 90 6.98 -13.07 1.57
C LEU B 90 7.44 -12.34 0.31
N MET B 91 6.60 -11.43 -0.16
CA MET B 91 6.90 -10.70 -1.39
C MET B 91 8.12 -9.79 -1.28
N ILE B 92 8.23 -9.03 -0.21
CA ILE B 92 9.39 -8.15 -0.06
C ILE B 92 10.68 -8.99 0.04
N GLY B 93 10.58 -10.13 0.72
CA GLY B 93 11.69 -11.06 0.79
C GLY B 93 12.08 -11.53 -0.60
N LEU B 94 11.09 -11.98 -1.37
CA LEU B 94 11.31 -12.40 -2.76
C LEU B 94 11.97 -11.31 -3.59
N VAL B 95 11.43 -10.10 -3.51
CA VAL B 95 11.95 -8.97 -4.27
C VAL B 95 13.39 -8.67 -3.89
N TRP B 96 13.67 -8.62 -2.58
CA TRP B 96 15.03 -8.43 -2.08
C TRP B 96 16.00 -9.48 -2.63
N ARG B 97 15.64 -10.76 -2.51
CA ARG B 97 16.44 -11.85 -3.04
C ARG B 97 16.75 -11.69 -4.51
N SER B 98 15.83 -11.09 -5.25
CA SER B 98 15.89 -11.05 -6.71
C SER B 98 16.65 -9.84 -7.25
N MET B 99 17.05 -8.96 -6.35
CA MET B 99 17.56 -7.64 -6.73
C MET B 99 18.75 -7.72 -7.68
N GLU B 100 19.68 -8.63 -7.39
CA GLU B 100 20.88 -8.76 -8.20
CA GLU B 100 20.88 -8.79 -8.19
C GLU B 100 20.63 -9.62 -9.45
N HIS B 101 19.36 -9.90 -9.72
CA HIS B 101 19.00 -10.69 -10.91
C HIS B 101 17.94 -10.02 -11.75
N PRO B 102 18.31 -8.94 -12.45
CA PRO B 102 17.36 -8.21 -13.29
C PRO B 102 16.58 -9.16 -14.18
N GLY B 103 15.27 -8.99 -14.23
CA GLY B 103 14.42 -9.78 -15.11
C GLY B 103 13.98 -11.10 -14.52
N LYS B 104 14.56 -11.48 -13.39
CA LYS B 104 14.23 -12.76 -12.79
C LYS B 104 13.74 -12.66 -11.35
N LEU B 105 12.92 -13.63 -10.94
CA LEU B 105 12.51 -13.75 -9.56
C LEU B 105 13.21 -14.96 -8.93
N LEU B 106 14.04 -14.72 -7.93
CA LEU B 106 14.75 -15.79 -7.25
C LEU B 106 13.89 -16.35 -6.12
N PHE B 107 12.97 -17.25 -6.47
CA PHE B 107 12.14 -17.88 -5.46
C PHE B 107 13.01 -18.68 -4.49
N ALA B 108 14.03 -19.33 -5.05
CA ALA B 108 15.05 -20.05 -4.29
C ALA B 108 16.30 -20.10 -5.13
N PRO B 109 17.48 -20.33 -4.51
CA PRO B 109 18.71 -20.39 -5.30
C PRO B 109 18.63 -21.42 -6.43
N ASN B 110 17.80 -22.45 -6.27
CA ASN B 110 17.62 -23.45 -7.31
C ASN B 110 16.27 -23.31 -7.99
N LEU B 111 15.68 -22.11 -7.91
CA LEU B 111 14.42 -21.83 -8.56
C LEU B 111 14.34 -20.37 -8.99
N LEU B 112 15.02 -20.03 -10.08
CA LEU B 112 15.04 -18.67 -10.61
C LEU B 112 14.13 -18.60 -11.84
N LEU B 113 13.05 -17.84 -11.74
CA LEU B 113 12.03 -17.79 -12.80
C LEU B 113 11.94 -16.43 -13.49
N ASP B 114 11.71 -16.44 -14.81
CA ASP B 114 11.43 -15.22 -15.54
C ASP B 114 9.95 -15.15 -15.92
N ARG B 115 9.55 -14.05 -16.55
CA ARG B 115 8.13 -13.81 -16.81
C ARG B 115 7.52 -14.81 -17.79
N ASN B 116 8.34 -15.45 -18.59
CA ASN B 116 7.88 -16.44 -19.55
C ASN B 116 7.32 -17.69 -18.90
N GLN B 117 7.62 -17.90 -17.64
CA GLN B 117 7.08 -19.02 -16.89
C GLN B 117 5.85 -18.58 -16.10
N GLY B 118 5.76 -17.27 -15.86
CA GLY B 118 4.58 -16.70 -15.25
C GLY B 118 3.44 -16.71 -16.26
N LYS B 119 3.79 -16.61 -17.54
CA LYS B 119 2.83 -16.69 -18.63
C LYS B 119 2.00 -17.97 -18.53
N CYS B 120 2.57 -19.00 -17.90
CA CYS B 120 1.92 -20.29 -17.78
C CYS B 120 0.67 -20.25 -16.90
N VAL B 121 0.89 -20.09 -15.60
CA VAL B 121 -0.22 -20.02 -14.66
C VAL B 121 -1.14 -18.86 -15.01
N GLU B 122 -2.41 -19.17 -15.23
CA GLU B 122 -3.42 -18.17 -15.54
C GLU B 122 -3.50 -17.10 -14.45
N GLY B 123 -3.44 -15.84 -14.85
CA GLY B 123 -3.59 -14.73 -13.93
C GLY B 123 -2.37 -14.46 -13.06
N MET B 124 -1.20 -14.90 -13.50
CA MET B 124 0.01 -14.78 -12.69
C MET B 124 1.02 -13.76 -13.24
N VAL B 125 1.14 -13.67 -14.55
CA VAL B 125 2.16 -12.83 -15.15
C VAL B 125 2.05 -11.37 -14.69
N GLU B 126 0.82 -10.92 -14.45
CA GLU B 126 0.60 -9.56 -13.97
C GLU B 126 1.29 -9.31 -12.65
N ILE B 127 1.16 -10.25 -11.72
CA ILE B 127 1.80 -10.14 -10.41
C ILE B 127 3.31 -10.29 -10.56
N PHE B 128 3.70 -11.21 -11.42
CA PHE B 128 5.11 -11.44 -11.74
C PHE B 128 5.76 -10.12 -12.19
N ASP B 129 5.12 -9.43 -13.13
CA ASP B 129 5.66 -8.17 -13.63
C ASP B 129 5.78 -7.09 -12.56
N MET B 130 4.77 -6.97 -11.71
CA MET B 130 4.83 -6.01 -10.61
C MET B 130 6.01 -6.28 -9.68
N LEU B 131 6.21 -7.55 -9.34
CA LEU B 131 7.33 -7.96 -8.50
C LEU B 131 8.67 -7.59 -9.15
N LEU B 132 8.79 -7.85 -10.44
CA LEU B 132 9.99 -7.50 -11.18
C LEU B 132 10.26 -5.99 -11.17
N ALA B 133 9.22 -5.19 -11.39
CA ALA B 133 9.39 -3.74 -11.37
C ALA B 133 9.88 -3.28 -10.01
N THR B 134 9.33 -3.86 -8.96
CA THR B 134 9.73 -3.53 -7.59
C THR B 134 11.19 -3.91 -7.34
N SER B 135 11.57 -5.07 -7.82
CA SER B 135 12.95 -5.53 -7.68
C SER B 135 13.88 -4.54 -8.38
N SER B 136 13.52 -4.16 -9.60
CA SER B 136 14.32 -3.21 -10.38
CA SER B 136 14.33 -3.22 -10.37
C SER B 136 14.45 -1.88 -9.64
N ARG B 137 13.34 -1.43 -9.07
CA ARG B 137 13.32 -0.17 -8.34
C ARG B 137 14.29 -0.22 -7.16
N PHE B 138 14.24 -1.31 -6.39
CA PHE B 138 15.16 -1.49 -5.27
C PHE B 138 16.61 -1.48 -5.75
N ARG B 139 16.87 -2.13 -6.87
CA ARG B 139 18.24 -2.18 -7.39
C ARG B 139 18.74 -0.79 -7.77
N MET B 140 17.89 -0.01 -8.44
CA MET B 140 18.27 1.32 -8.89
C MET B 140 18.46 2.29 -7.73
N MET B 141 17.74 2.05 -6.64
CA MET B 141 17.90 2.83 -5.41
C MET B 141 19.08 2.34 -4.58
N ASN B 142 19.67 1.21 -4.98
CA ASN B 142 20.76 0.61 -4.23
CA ASN B 142 20.77 0.63 -4.23
C ASN B 142 20.37 0.33 -2.79
N LEU B 143 19.21 -0.29 -2.61
CA LEU B 143 18.71 -0.66 -1.28
C LEU B 143 19.74 -1.51 -0.55
N GLN B 144 19.98 -1.19 0.71
CA GLN B 144 20.92 -1.96 1.52
C GLN B 144 20.20 -2.97 2.41
N GLY B 145 20.88 -4.07 2.74
CA GLY B 145 20.31 -5.10 3.59
C GLY B 145 19.76 -4.57 4.90
N GLU B 146 20.48 -3.63 5.51
CA GLU B 146 20.06 -3.01 6.76
C GLU B 146 18.76 -2.23 6.57
N GLU B 147 18.63 -1.57 5.42
CA GLU B 147 17.41 -0.86 5.09
C GLU B 147 16.26 -1.85 4.85
N PHE B 148 16.57 -2.93 4.12
CA PHE B 148 15.60 -4.00 3.84
C PHE B 148 14.93 -4.54 5.10
N VAL B 149 15.72 -4.95 6.09
CA VAL B 149 15.16 -5.51 7.32
C VAL B 149 14.29 -4.51 8.09
N CYS B 150 14.68 -3.24 8.08
CA CYS B 150 13.83 -2.20 8.66
C CYS B 150 12.46 -2.12 7.96
N LEU B 151 12.47 -2.11 6.63
CA LEU B 151 11.23 -2.04 5.86
C LEU B 151 10.34 -3.25 6.15
N LYS B 152 10.95 -4.42 6.25
CA LYS B 152 10.19 -5.64 6.49
C LYS B 152 9.48 -5.62 7.86
N SER B 153 10.18 -5.17 8.89
CA SER B 153 9.59 -5.05 10.22
CA SER B 153 9.58 -5.06 10.21
C SER B 153 8.48 -3.98 10.23
N ILE B 154 8.68 -2.92 9.47
CA ILE B 154 7.66 -1.89 9.34
C ILE B 154 6.35 -2.48 8.78
N ILE B 155 6.47 -3.29 7.74
CA ILE B 155 5.31 -3.96 7.14
C ILE B 155 4.57 -4.79 8.19
N LEU B 156 5.33 -5.58 8.94
CA LEU B 156 4.78 -6.42 10.00
C LEU B 156 3.95 -5.63 10.99
N LEU B 157 4.49 -4.51 11.46
CA LEU B 157 3.83 -3.70 12.48
C LEU B 157 2.75 -2.79 11.93
N ASN B 158 2.89 -2.36 10.68
CA ASN B 158 1.99 -1.35 10.11
C ASN B 158 0.73 -1.87 9.45
N SER B 159 0.85 -2.98 8.72
CA SER B 159 -0.22 -3.38 7.82
C SER B 159 -1.57 -3.57 8.51
N GLY B 160 -1.58 -4.24 9.65
CA GLY B 160 -2.82 -4.45 10.38
C GLY B 160 -3.04 -3.51 11.57
N VAL B 161 -2.23 -2.45 11.67
CA VAL B 161 -2.25 -1.58 12.84
C VAL B 161 -3.49 -0.68 12.97
N TYR B 162 -4.04 -0.24 11.84
CA TYR B 162 -5.24 0.59 11.85
C TYR B 162 -6.48 -0.25 12.14
N THR B 163 -6.43 -1.52 11.74
CA THR B 163 -7.58 -2.41 11.91
C THR B 163 -7.68 -2.93 13.33
N PHE B 164 -6.98 -2.27 14.25
CA PHE B 164 -6.99 -2.68 15.66
C PHE B 164 -8.25 -2.18 16.36
N LEU B 165 -8.22 -0.92 16.79
CA LEU B 165 -7.05 -0.07 16.59
C LEU B 165 -7.38 1.39 16.89
N ASP B 176 -0.76 2.48 20.26
CA ASP B 176 0.24 3.44 20.72
C ASP B 176 1.62 2.80 20.82
N HIS B 177 1.68 1.61 21.43
CA HIS B 177 2.93 0.87 21.54
C HIS B 177 3.50 0.61 20.15
N ILE B 178 2.64 0.15 19.24
CA ILE B 178 3.09 -0.13 17.88
C ILE B 178 3.53 1.15 17.18
N HIS B 179 2.83 2.24 17.46
CA HIS B 179 3.15 3.51 16.84
C HIS B 179 4.51 4.04 17.32
N ARG B 180 4.79 3.89 18.61
CA ARG B 180 6.11 4.27 19.13
C ARG B 180 7.20 3.39 18.55
N VAL B 181 6.93 2.10 18.41
CA VAL B 181 7.92 1.20 17.82
C VAL B 181 8.15 1.55 16.36
N LEU B 182 7.08 1.87 15.64
CA LEU B 182 7.18 2.32 14.26
C LEU B 182 8.04 3.57 14.13
N ASP B 183 7.84 4.53 15.04
CA ASP B 183 8.69 5.71 15.11
C ASP B 183 10.14 5.33 15.35
N LYS B 184 10.35 4.34 16.23
CA LYS B 184 11.71 3.89 16.53
C LYS B 184 12.40 3.31 15.30
N ILE B 185 11.64 2.62 14.45
CA ILE B 185 12.19 2.04 13.23
C ILE B 185 12.49 3.14 12.20
N THR B 186 11.65 4.17 12.14
CA THR B 186 11.92 5.33 11.30
C THR B 186 13.24 6.00 11.72
N ASP B 187 13.43 6.18 13.02
CA ASP B 187 14.68 6.73 13.53
C ASP B 187 15.84 5.85 13.06
N THR B 188 15.62 4.54 13.07
CA THR B 188 16.68 3.60 12.69
C THR B 188 17.04 3.70 11.20
N LEU B 189 16.03 3.87 10.34
CA LEU B 189 16.28 4.01 8.90
C LEU B 189 17.07 5.27 8.61
N ILE B 190 16.63 6.40 9.15
CA ILE B 190 17.36 7.65 9.05
C ILE B 190 18.80 7.49 9.53
N HIS B 191 18.97 6.80 10.65
CA HIS B 191 20.29 6.54 11.24
C HIS B 191 21.20 5.85 10.22
N LEU B 192 20.68 4.79 9.60
CA LEU B 192 21.42 4.06 8.58
C LEU B 192 21.79 4.94 7.39
N MET B 193 20.89 5.85 7.02
CA MET B 193 21.14 6.72 5.88
C MET B 193 22.19 7.79 6.21
N ALA B 194 22.12 8.33 7.41
CA ALA B 194 23.13 9.29 7.85
C ALA B 194 24.49 8.59 7.92
N LYS B 195 24.48 7.39 8.50
CA LYS B 195 25.69 6.59 8.62
C LYS B 195 26.29 6.28 7.25
N ALA B 196 25.44 6.22 6.22
CA ALA B 196 25.89 5.93 4.87
C ALA B 196 26.39 7.19 4.16
N GLY B 197 26.23 8.34 4.81
CA GLY B 197 26.78 9.58 4.30
C GLY B 197 25.84 10.50 3.54
N LEU B 198 24.55 10.17 3.52
CA LEU B 198 23.58 11.01 2.83
C LEU B 198 23.37 12.34 3.53
N THR B 199 23.13 13.39 2.75
CA THR B 199 22.78 14.69 3.29
C THR B 199 21.39 14.63 3.91
N LEU B 200 21.00 15.68 4.62
CA LEU B 200 19.68 15.74 5.24
C LEU B 200 18.57 15.65 4.21
N GLN B 201 18.75 16.32 3.08
CA GLN B 201 17.76 16.31 2.02
C GLN B 201 17.64 14.94 1.37
N GLN B 202 18.78 14.30 1.14
CA GLN B 202 18.81 12.96 0.59
C GLN B 202 18.15 11.96 1.55
N GLN B 203 18.38 12.16 2.85
CA GLN B 203 17.78 11.33 3.88
C GLN B 203 16.25 11.33 3.84
N HIS B 204 15.62 12.51 3.90
CA HIS B 204 14.17 12.54 3.89
C HIS B 204 13.56 12.17 2.52
N GLN B 205 14.25 12.47 1.45
CA GLN B 205 13.83 12.03 0.13
C GLN B 205 13.92 10.50 -0.02
N ARG B 206 14.97 9.91 0.48
CA ARG B 206 15.12 8.46 0.39
C ARG B 206 14.11 7.75 1.29
N LEU B 207 13.87 8.31 2.48
CA LEU B 207 12.89 7.73 3.38
C LEU B 207 11.51 7.70 2.72
N ALA B 208 11.13 8.81 2.09
CA ALA B 208 9.86 8.89 1.38
C ALA B 208 9.78 7.86 0.26
N GLN B 209 10.83 7.79 -0.56
CA GLN B 209 10.87 6.86 -1.69
C GLN B 209 10.64 5.41 -1.27
N LEU B 210 11.31 5.00 -0.20
CA LEU B 210 11.18 3.64 0.30
C LEU B 210 9.78 3.36 0.83
N LEU B 211 9.22 4.32 1.56
CA LEU B 211 7.89 4.12 2.15
C LEU B 211 6.78 4.08 1.09
N LEU B 212 6.93 4.85 0.03
CA LEU B 212 5.96 4.83 -1.08
C LEU B 212 5.90 3.45 -1.73
N ILE B 213 7.03 2.79 -1.80
CA ILE B 213 7.10 1.43 -2.35
C ILE B 213 6.26 0.44 -1.51
N LEU B 214 6.14 0.72 -0.21
CA LEU B 214 5.32 -0.11 0.66
C LEU B 214 3.85 -0.12 0.22
N SER B 215 3.41 0.99 -0.38
CA SER B 215 2.07 1.06 -0.94
C SER B 215 1.91 0.09 -2.10
N HIS B 216 2.94 0.01 -2.94
CA HIS B 216 2.92 -0.90 -4.07
CA HIS B 216 2.94 -0.91 -4.08
C HIS B 216 2.98 -2.37 -3.61
N ILE B 217 3.77 -2.63 -2.58
CA ILE B 217 3.84 -3.98 -2.03
C ILE B 217 2.48 -4.40 -1.46
N ARG B 218 1.78 -3.48 -0.82
CA ARG B 218 0.43 -3.77 -0.35
C ARG B 218 -0.48 -4.12 -1.53
N HIS B 219 -0.34 -3.38 -2.63
CA HIS B 219 -1.15 -3.63 -3.81
C HIS B 219 -0.91 -5.03 -4.35
N MET B 220 0.36 -5.40 -4.48
CA MET B 220 0.73 -6.72 -4.97
C MET B 220 0.21 -7.84 -4.08
N SER B 221 0.29 -7.64 -2.76
CA SER B 221 -0.24 -8.61 -1.82
C SER B 221 -1.74 -8.82 -2.00
N ASN B 222 -2.50 -7.75 -2.14
CA ASN B 222 -3.93 -7.81 -2.42
C ASN B 222 -4.23 -8.59 -3.70
N LYS B 223 -3.49 -8.32 -4.75
CA LYS B 223 -3.66 -9.03 -6.01
C LYS B 223 -3.26 -10.51 -5.88
N GLY B 224 -2.16 -10.77 -5.19
CA GLY B 224 -1.69 -12.13 -4.99
C GLY B 224 -2.65 -12.94 -4.15
N MET B 225 -3.31 -12.27 -3.21
CA MET B 225 -4.29 -12.93 -2.36
C MET B 225 -5.49 -13.38 -3.19
N GLU B 226 -5.96 -12.50 -4.07
N GLU B 226 -5.96 -12.51 -4.09
CA GLU B 226 -7.02 -12.84 -5.02
CA GLU B 226 -7.05 -12.87 -4.98
C GLU B 226 -6.62 -14.09 -5.78
C GLU B 226 -6.65 -14.04 -5.88
N HIS B 227 -5.40 -14.07 -6.30
CA HIS B 227 -4.91 -15.15 -7.15
C HIS B 227 -4.84 -16.48 -6.40
N LEU B 228 -4.41 -16.43 -5.14
CA LEU B 228 -4.32 -17.65 -4.34
C LEU B 228 -5.72 -18.19 -4.07
N TYR B 229 -6.67 -17.27 -3.93
CA TYR B 229 -8.07 -17.63 -3.72
C TYR B 229 -8.66 -18.38 -4.92
N SER B 230 -8.47 -17.83 -6.11
CA SER B 230 -8.97 -18.48 -7.31
C SER B 230 -8.30 -19.83 -7.47
N MET B 231 -7.04 -19.91 -7.07
N MET B 231 -7.04 -19.90 -7.07
CA MET B 231 -6.31 -21.18 -7.14
CA MET B 231 -6.26 -21.11 -7.09
C MET B 231 -6.86 -22.17 -6.11
C MET B 231 -6.84 -22.14 -6.13
N LYS B 232 -7.31 -21.65 -4.98
CA LYS B 232 -7.95 -22.49 -3.98
C LYS B 232 -9.28 -23.03 -4.51
N CSO B 233 -10.03 -22.17 -5.20
CA CSO B 233 -11.34 -22.55 -5.71
CA CSO B 233 -11.33 -22.56 -5.73
CB CSO B 233 -12.17 -21.31 -6.02
CB CSO B 233 -12.22 -21.33 -6.03
SG CSO B 233 -13.80 -21.80 -6.63
SG CSO B 233 -12.51 -20.38 -4.54
C CSO B 233 -11.25 -23.46 -6.95
O CSO B 233 -12.10 -24.32 -7.16
OD CSO B 233 -14.98 -21.75 -5.30
OD CSO B 233 -14.26 -20.11 -4.30
N LYS B 234 -10.21 -23.26 -7.76
CA LYS B 234 -10.01 -24.11 -8.93
C LYS B 234 -9.41 -25.45 -8.53
N ASN B 235 -8.96 -25.53 -7.29
CA ASN B 235 -8.34 -26.73 -6.75
C ASN B 235 -7.16 -27.22 -7.60
N VAL B 236 -6.42 -26.26 -8.17
CA VAL B 236 -5.25 -26.59 -8.98
C VAL B 236 -4.32 -27.52 -8.23
N VAL B 237 -4.04 -27.18 -6.97
CA VAL B 237 -3.15 -27.96 -6.13
C VAL B 237 -3.65 -27.91 -4.69
N PRO B 238 -3.45 -28.99 -3.93
CA PRO B 238 -3.84 -28.91 -2.52
C PRO B 238 -3.00 -27.86 -1.79
N LEU B 239 -3.62 -27.15 -0.86
CA LEU B 239 -2.91 -26.19 -0.02
C LEU B 239 -2.83 -26.70 1.41
N SER B 240 -1.73 -26.39 2.09
CA SER B 240 -1.59 -26.78 3.48
C SER B 240 -2.66 -26.08 4.32
N ASP B 241 -2.99 -26.67 5.46
CA ASP B 241 -3.97 -26.07 6.35
C ASP B 241 -3.49 -24.70 6.81
N LEU B 242 -2.19 -24.56 7.06
CA LEU B 242 -1.63 -23.28 7.47
C LEU B 242 -1.87 -22.23 6.38
N LEU B 243 -1.52 -22.58 5.15
CA LEU B 243 -1.68 -21.64 4.04
C LEU B 243 -3.15 -21.28 3.83
N LEU B 244 -4.04 -22.27 3.99
CA LEU B 244 -5.47 -22.05 3.87
C LEU B 244 -6.00 -21.11 4.94
N GLU B 245 -5.50 -21.25 6.16
CA GLU B 245 -5.93 -20.39 7.25
C GLU B 245 -5.44 -18.96 7.08
N MET B 246 -4.21 -18.81 6.59
CA MET B 246 -3.67 -17.47 6.35
C MET B 246 -4.45 -16.78 5.23
N LEU B 247 -4.85 -17.54 4.23
CA LEU B 247 -5.70 -17.05 3.17
C LEU B 247 -7.09 -16.69 3.71
N ASP B 248 -7.67 -17.62 4.45
CA ASP B 248 -9.02 -17.44 4.99
C ASP B 248 -9.13 -16.19 5.86
N ALA B 249 -8.03 -15.79 6.47
CA ALA B 249 -8.02 -14.61 7.34
C ALA B 249 -8.44 -13.35 6.57
N HIS B 250 -8.04 -13.28 5.30
CA HIS B 250 -8.39 -12.14 4.45
C HIS B 250 -9.82 -12.25 3.91
N ARG B 251 -10.54 -13.27 4.37
CA ARG B 251 -11.93 -13.48 3.98
C ARG B 251 -12.20 -13.10 2.54
N LYS C 3 -12.69 5.69 -24.39
CA LYS C 3 -12.84 5.78 -22.93
C LYS C 3 -13.38 7.13 -22.50
N ILE C 4 -14.28 7.12 -21.53
CA ILE C 4 -14.84 8.36 -21.00
C ILE C 4 -13.76 9.21 -20.35
N LEU C 5 -12.89 8.55 -19.58
CA LEU C 5 -11.81 9.23 -18.90
C LEU C 5 -10.84 9.85 -19.88
N HIS C 6 -10.58 9.14 -20.97
CA HIS C 6 -9.71 9.63 -22.03
C HIS C 6 -10.25 10.94 -22.59
N ARG C 7 -11.55 10.96 -22.86
CA ARG C 7 -12.18 12.14 -23.44
C ARG C 7 -12.22 13.32 -22.47
N LEU C 8 -12.63 13.06 -21.23
CA LEU C 8 -12.69 14.11 -20.22
C LEU C 8 -11.32 14.74 -20.00
N LEU C 9 -10.27 13.93 -20.08
CA LEU C 9 -8.90 14.43 -19.91
C LEU C 9 -8.48 15.34 -21.07
N GLN C 10 -9.02 15.08 -22.26
CA GLN C 10 -8.74 15.94 -23.42
C GLN C 10 -9.52 17.24 -23.37
N GLU C 11 -10.78 17.18 -22.94
CA GLU C 11 -11.59 18.38 -22.79
C GLU C 11 -10.99 19.35 -21.80
N LYS D 3 -6.59 -21.93 15.58
CA LYS D 3 -5.69 -21.60 14.46
C LYS D 3 -4.32 -22.23 14.64
N ILE D 4 -3.73 -22.67 13.54
CA ILE D 4 -2.37 -23.20 13.56
C ILE D 4 -1.39 -22.10 13.94
N LEU D 5 -1.62 -20.91 13.41
CA LEU D 5 -0.78 -19.75 13.71
C LEU D 5 -0.73 -19.52 15.22
N HIS D 6 -1.88 -19.61 15.87
CA HIS D 6 -1.96 -19.52 17.33
C HIS D 6 -0.92 -20.41 17.96
N ARG D 7 -0.91 -21.67 17.53
CA ARG D 7 0.00 -22.65 18.10
C ARG D 7 1.47 -22.34 17.81
N LEU D 8 1.77 -22.02 16.56
CA LEU D 8 3.16 -21.82 16.14
C LEU D 8 3.79 -20.60 16.81
N LEU D 9 2.99 -19.57 17.05
CA LEU D 9 3.46 -18.40 17.77
C LEU D 9 3.83 -18.75 19.20
N GLN D 10 3.25 -19.84 19.71
CA GLN D 10 3.49 -20.30 21.08
C GLN D 10 4.70 -21.23 21.20
N GLU D 11 5.03 -21.93 20.12
CA GLU D 11 6.15 -22.87 20.14
C GLU D 11 7.43 -22.17 20.60
CAA 27G E . -17.18 0.75 -3.03
CAA 27G E . -18.30 3.39 -4.30
CAM 27G E . -18.28 1.63 -3.62
CAM 27G E . -17.35 2.35 -4.92
CAN 27G E . -17.70 3.00 -3.98
CAN 27G E . -16.34 1.87 -3.88
CAO 27G E . -18.76 4.09 -3.76
CAO 27G E . -17.00 0.89 -2.90
OAQ 27G E . -18.11 5.36 -3.66
OAQ 27G E . -17.44 1.60 -1.74
CAS 27G E . -18.54 6.02 -2.55
CAS 27G E . -16.56 1.48 -0.70
OAB 27G E . -19.38 5.56 -1.78
OAB 27G E . -15.50 0.86 -0.77
CAV 27G E . -17.97 7.28 -2.33
CAV 27G E . -16.97 2.08 0.48
CAK 27G E . -18.68 8.40 -2.74
CAK 27G E . -17.56 1.32 1.49
CAG 27G E . -18.16 9.67 -2.55
CAG 27G E . -17.99 1.89 2.69
CAH 27G E . -16.93 9.83 -1.92
CAH 27G E . -17.82 3.26 2.87
CAL 27G E . -16.22 8.72 -1.51
CAL 27G E . -17.23 4.03 1.87
CAW 27G E . -16.74 7.44 -1.70
CAW 27G E . -16.80 3.44 0.68
CAT 27G E . -15.98 6.36 -1.27
CAT 27G E . -16.21 4.23 -0.30
OAC 27G E . -14.83 6.53 -0.85
OAC 27G E . -15.85 3.76 -1.37
OAR 27G E . -16.60 5.14 -1.30
OAR 27G E . -16.03 5.53 0.07
CAP 27G E . -15.81 4.21 -0.59
CAP 27G E . -15.49 6.31 -1.01
CAU 27G E . -16.56 3.62 0.41
CAU 27G E . -16.37 7.34 -1.37
CAI 27G E . -17.27 4.42 1.30
CAI 27G E . -17.70 7.04 -1.68
CAE 27G E . -18.03 3.83 2.31
CAE 27G E . -18.56 8.07 -2.04
CAD 27G E . -18.09 2.45 2.43
CAD 27G E . -18.12 9.38 -2.09
CAF 27G E . -17.38 1.65 1.54
CAF 27G E . -16.79 9.67 -1.78
CAJ 27G E . -16.63 2.24 0.54
CAJ 27G E . -15.92 8.65 -1.42
CAA 27G F . -0.01 -16.48 -5.08
CAA 27G F . 1.68 -18.37 -3.94
CAM 27G F . 0.64 -17.76 -4.54
CAM 27G F . 0.73 -17.55 -3.04
CAN 27G F . 1.32 -17.48 -3.21
CAN 27G F . 0.42 -16.21 -3.70
CAO 27G F . 2.45 -18.51 -2.98
CAO 27G F . -0.19 -16.43 -5.09
OAQ 27G F . 3.55 -17.89 -2.32
OAQ 27G F . 0.83 -16.27 -6.09
CAS 27G F . 4.65 -17.96 -3.11
CAS 27G F . 1.41 -15.05 -5.98
OAB 27G F . 4.62 -18.37 -4.26
OAB 27G F . 1.06 -14.20 -5.18
CAV 27G F . 5.85 -17.54 -2.55
CAV 27G F . 2.49 -14.82 -6.85
CAK 27G F . 6.68 -18.49 -1.95
CAK 27G F . 2.29 -14.77 -8.23
CAG 27G F . 7.87 -18.10 -1.37
CAG 27G F . 3.35 -14.54 -9.09
CAH 27G F . 8.27 -16.77 -1.41
CAH 27G F . 4.64 -14.39 -8.59
CAL 27G F . 7.45 -15.82 -2.00
CAL 27G F . 4.84 -14.44 -7.20
CAW 27G F . 6.25 -16.20 -2.58
CAW 27G F . 3.77 -14.65 -6.35
CAT 27G F . 5.48 -15.21 -3.16
CAT 27G F . 3.97 -14.68 -4.97
OAC 27G F . 5.80 -14.04 -3.04
OAC 27G F . 3.01 -14.81 -4.21
OAR 27G F . 4.39 -15.63 -3.85
OAR 27G F . 5.25 -14.52 -4.54
CAP 27G F . 3.95 -14.44 -4.54
CAP 27G F . 5.26 -14.68 -3.12
CAU 27G F . 3.18 -14.78 -5.66
CAU 27G F . 6.11 -15.73 -2.73
CAI 27G F . 3.60 -14.41 -6.92
CAI 27G F . 5.74 -17.06 -2.92
CAE 27G F . 2.84 -14.73 -8.04
CAE 27G F . 6.59 -18.08 -2.54
CAD 27G F . 1.63 -15.42 -7.88
CAD 27G F . 7.81 -17.79 -1.95
CAF 27G F . 1.21 -15.79 -6.60
CAF 27G F . 8.18 -16.46 -1.75
CAJ 27G F . 1.98 -15.46 -5.50
CAJ 27G F . 7.33 -15.43 -2.14
C1 GOL G . 19.38 -9.71 4.67
O1 GOL G . 19.23 -11.10 4.69
C2 GOL G . 20.58 -9.34 3.80
O2 GOL G . 20.71 -10.27 2.75
C3 GOL G . 21.84 -9.36 4.66
O3 GOL G . 21.48 -9.03 5.98
#